data_7ZVR
#
_entry.id   7ZVR
#
_cell.length_a   62.688
_cell.length_b   66.528
_cell.length_c   120.516
_cell.angle_alpha   90.000
_cell.angle_beta   90.000
_cell.angle_gamma   90.000
#
_symmetry.space_group_name_H-M   'C 2 2 21'
#
loop_
_entity.id
_entity.type
_entity.pdbx_description
1 polymer 'Carotenoid-binding protein'
2 non-polymer (1R,2S)-4-{(1E,3E,5E,7E,9E,11E,13E,15E,17E)-18-[(4S)-4-hydroxy-2,6,6-trimethylcyclohex-1-en-1-yl]-3,7,12,16-tetramethyloctadeca-1,3,5,7,9,11,13,15,17-nonaen-1-yl}-2,5,5-trimethylcyclohex-3-en-1-ol
3 water water
#
_entity_poly.entity_id   1
_entity_poly.type   'polypeptide(L)'
_entity_poly.pdbx_seq_one_letter_code
;MGSSHHHHHHSSGLEVLFQGPHMSIDEYKSQANESMANAWRIITLPNWTVEKRGTVRGDVVESRKVEGFGKVYRFTGVVN
CPARFLYEEFKNNLTKLPEWNPTILKCEIIKEIGDGVDLSYQVTAGGGRGIITPRDFVILRRTALLSREGRVVDDNPHGY
ISSGVSVQVPGYPPLKEMVRGHNKVGCWYLQPRTVQTPGGKIEDQALFQWLMCCDLKGKIPQFVLDVAFATVMLDYIVHV
RKFVAEAKARAEI
;
_entity_poly.pdbx_strand_id   A
#
# COMPACT_ATOMS: atom_id res chain seq x y z
N GLN A 19 13.82 9.29 -24.94
CA GLN A 19 14.73 8.71 -23.95
C GLN A 19 15.89 9.65 -23.56
N GLY A 20 16.05 9.85 -22.27
CA GLY A 20 17.05 10.74 -21.71
C GLY A 20 18.44 10.19 -21.53
N PRO A 21 19.44 10.89 -22.07
CA PRO A 21 20.83 10.46 -21.88
C PRO A 21 21.39 10.92 -20.52
N HIS A 22 22.34 10.17 -19.95
CA HIS A 22 22.94 10.47 -18.63
C HIS A 22 21.89 10.69 -17.52
N MET A 23 20.77 9.95 -17.58
CA MET A 23 19.68 10.11 -16.62
C MET A 23 19.41 8.96 -15.65
N SER A 24 19.79 9.15 -14.38
CA SER A 24 19.44 8.21 -13.31
C SER A 24 17.93 8.26 -13.04
N ILE A 25 17.24 9.31 -13.52
CA ILE A 25 15.82 9.52 -13.43
C ILE A 25 15.09 8.50 -14.30
N ASP A 26 15.68 8.10 -15.44
CA ASP A 26 15.10 7.04 -16.29
C ASP A 26 15.15 5.72 -15.52
N GLU A 27 16.23 5.49 -14.74
CA GLU A 27 16.41 4.29 -13.91
C GLU A 27 15.32 4.27 -12.86
N TYR A 28 15.09 5.40 -12.16
CA TYR A 28 14.05 5.50 -11.15
C TYR A 28 12.66 5.31 -11.75
N LYS A 29 12.39 5.94 -12.89
CA LYS A 29 11.07 5.82 -13.52
C LYS A 29 10.84 4.42 -14.08
N SER A 30 11.92 3.77 -14.54
CA SER A 30 11.87 2.42 -15.07
C SER A 30 11.52 1.44 -13.96
N GLN A 31 12.23 1.54 -12.82
CA GLN A 31 11.96 0.67 -11.69
C GLN A 31 10.58 0.87 -11.09
N ALA A 32 10.04 2.10 -11.14
CA ALA A 32 8.71 2.37 -10.62
C ALA A 32 7.65 1.74 -11.51
N ASN A 33 7.86 1.79 -12.84
CA ASN A 33 6.95 1.18 -13.80
C ASN A 33 7.02 -0.34 -13.64
N GLU A 34 8.23 -0.90 -13.54
CA GLU A 34 8.41 -2.34 -13.42
C GLU A 34 7.72 -2.87 -12.14
N SER A 35 7.85 -2.11 -11.06
CA SER A 35 7.30 -2.35 -9.75
C SER A 35 5.78 -2.24 -9.76
N MET A 36 5.23 -1.21 -10.40
CA MET A 36 3.79 -1.01 -10.52
C MET A 36 3.21 -2.16 -11.33
N ALA A 37 3.85 -2.51 -12.45
CA ALA A 37 3.35 -3.63 -13.27
C ALA A 37 3.40 -4.96 -12.46
N ASN A 38 4.50 -5.19 -11.72
CA ASN A 38 4.62 -6.40 -10.88
C ASN A 38 3.55 -6.43 -9.78
N ALA A 39 3.26 -5.28 -9.13
CA ALA A 39 2.25 -5.23 -8.06
C ALA A 39 0.87 -5.53 -8.59
N TRP A 40 0.49 -4.92 -9.73
CA TRP A 40 -0.81 -5.14 -10.35
C TRP A 40 -0.98 -6.59 -10.77
N ARG A 41 0.08 -7.17 -11.38
CA ARG A 41 0.13 -8.56 -11.81
C ARG A 41 0.03 -9.53 -10.61
N ILE A 42 0.68 -9.24 -9.48
CA ILE A 42 0.65 -10.12 -8.31
C ILE A 42 -0.71 -10.05 -7.59
N ILE A 43 -1.21 -8.81 -7.40
CA ILE A 43 -2.46 -8.57 -6.69
C ILE A 43 -3.70 -9.14 -7.43
N THR A 44 -3.58 -9.37 -8.74
CA THR A 44 -4.67 -9.95 -9.53
C THR A 44 -4.47 -11.45 -9.82
N LEU A 45 -3.44 -12.09 -9.22
CA LEU A 45 -3.19 -13.53 -9.36
C LEU A 45 -4.33 -14.29 -8.69
N PRO A 46 -4.72 -15.48 -9.21
CA PRO A 46 -5.92 -16.13 -8.69
C PRO A 46 -5.90 -16.99 -7.40
N ASN A 47 -4.87 -17.81 -7.15
CA ASN A 47 -4.95 -18.75 -6.02
C ASN A 47 -4.33 -18.29 -4.73
N TRP A 48 -5.16 -17.83 -3.78
CA TRP A 48 -4.66 -17.35 -2.50
C TRP A 48 -5.03 -18.25 -1.31
N THR A 49 -4.22 -18.19 -0.25
CA THR A 49 -4.41 -18.97 0.96
C THR A 49 -4.84 -18.01 2.06
N VAL A 50 -5.93 -18.30 2.78
CA VAL A 50 -6.36 -17.42 3.85
C VAL A 50 -5.41 -17.54 5.03
N GLU A 51 -4.87 -16.42 5.50
CA GLU A 51 -4.01 -16.42 6.68
C GLU A 51 -4.84 -16.02 7.88
N LYS A 52 -5.66 -14.97 7.73
CA LYS A 52 -6.48 -14.49 8.83
C LYS A 52 -7.69 -13.74 8.32
N ARG A 53 -8.84 -13.98 8.92
N ARG A 53 -8.86 -13.99 8.90
CA ARG A 53 -10.05 -13.25 8.59
CA ARG A 53 -10.09 -13.27 8.54
C ARG A 53 -10.16 -12.09 9.59
C ARG A 53 -10.34 -12.17 9.59
N GLY A 54 -10.72 -10.98 9.13
CA GLY A 54 -10.88 -9.80 9.96
C GLY A 54 -12.16 -9.78 10.77
N THR A 55 -12.30 -8.73 11.58
CA THR A 55 -13.47 -8.58 12.44
C THR A 55 -14.70 -8.13 11.60
N VAL A 56 -14.50 -7.22 10.65
CA VAL A 56 -15.55 -6.78 9.74
C VAL A 56 -15.77 -7.89 8.69
N ARG A 57 -17.02 -8.19 8.38
CA ARG A 57 -17.35 -9.24 7.43
C ARG A 57 -16.74 -8.94 6.04
N GLY A 58 -16.04 -9.91 5.45
CA GLY A 58 -15.45 -9.73 4.13
C GLY A 58 -14.00 -9.29 4.13
N ASP A 59 -13.47 -8.85 5.30
CA ASP A 59 -12.10 -8.41 5.52
C ASP A 59 -11.23 -9.65 5.60
N VAL A 60 -10.17 -9.74 4.80
CA VAL A 60 -9.33 -10.94 4.82
C VAL A 60 -7.87 -10.65 4.48
N VAL A 61 -6.96 -11.32 5.17
CA VAL A 61 -5.53 -11.32 4.87
C VAL A 61 -5.27 -12.69 4.24
N GLU A 62 -4.78 -12.69 3.02
CA GLU A 62 -4.44 -13.92 2.30
C GLU A 62 -2.96 -13.85 1.90
N SER A 63 -2.40 -14.99 1.51
CA SER A 63 -1.03 -15.05 1.08
C SER A 63 -0.85 -16.04 -0.08
N ARG A 64 0.26 -15.92 -0.77
CA ARG A 64 0.63 -16.85 -1.81
C ARG A 64 2.08 -16.68 -2.23
N LYS A 65 2.63 -17.71 -2.84
CA LYS A 65 4.00 -17.72 -3.31
C LYS A 65 4.04 -17.15 -4.71
N VAL A 66 5.07 -16.33 -4.98
CA VAL A 66 5.31 -15.73 -6.29
C VAL A 66 6.82 -15.84 -6.54
N GLU A 67 7.27 -16.64 -7.54
CA GLU A 67 8.72 -16.80 -7.81
C GLU A 67 9.38 -15.45 -8.08
N GLY A 68 10.47 -15.19 -7.37
CA GLY A 68 11.15 -13.90 -7.45
C GLY A 68 10.84 -12.98 -6.28
N PHE A 69 9.69 -13.24 -5.60
CA PHE A 69 9.23 -12.44 -4.47
C PHE A 69 9.06 -13.19 -3.15
N GLY A 70 8.98 -14.51 -3.22
CA GLY A 70 8.75 -15.36 -2.06
C GLY A 70 7.28 -15.31 -1.64
N LYS A 71 7.05 -15.08 -0.35
CA LYS A 71 5.66 -15.01 0.14
C LYS A 71 5.16 -13.61 0.15
N VAL A 72 3.99 -13.40 -0.47
CA VAL A 72 3.33 -12.12 -0.52
C VAL A 72 2.05 -12.18 0.30
N TYR A 73 1.64 -11.04 0.83
CA TYR A 73 0.44 -10.92 1.63
C TYR A 73 -0.51 -9.96 0.98
N ARG A 74 -1.81 -10.22 1.13
CA ARG A 74 -2.82 -9.33 0.56
C ARG A 74 -4.02 -9.14 1.49
N PHE A 75 -4.29 -7.89 1.84
CA PHE A 75 -5.50 -7.59 2.59
C PHE A 75 -6.56 -7.20 1.57
N THR A 76 -7.80 -7.60 1.81
CA THR A 76 -8.92 -7.19 0.98
C THR A 76 -10.04 -6.80 1.93
N GLY A 77 -10.61 -5.62 1.70
CA GLY A 77 -11.75 -5.13 2.49
C GLY A 77 -12.47 -3.96 1.86
N VAL A 78 -13.71 -3.74 2.26
CA VAL A 78 -14.54 -2.64 1.77
C VAL A 78 -14.40 -1.40 2.68
N VAL A 79 -14.22 -0.21 2.08
CA VAL A 79 -14.15 1.05 2.81
C VAL A 79 -15.30 1.95 2.31
N ASN A 80 -16.07 2.52 3.23
CA ASN A 80 -17.27 3.31 2.90
C ASN A 80 -16.94 4.73 2.43
N CYS A 81 -16.35 4.84 1.25
CA CYS A 81 -16.01 6.12 0.66
C CYS A 81 -15.65 5.93 -0.80
N PRO A 82 -15.70 6.99 -1.63
CA PRO A 82 -15.27 6.83 -3.03
C PRO A 82 -13.82 6.46 -3.13
N ALA A 83 -13.50 5.55 -4.04
CA ALA A 83 -12.14 5.10 -4.30
C ALA A 83 -11.23 6.28 -4.65
N ARG A 84 -11.77 7.28 -5.39
CA ARG A 84 -11.07 8.50 -5.82
C ARG A 84 -10.65 9.36 -4.64
N PHE A 85 -11.45 9.39 -3.58
CA PHE A 85 -11.15 10.19 -2.39
C PHE A 85 -9.94 9.61 -1.64
N LEU A 86 -9.92 8.28 -1.48
CA LEU A 86 -8.79 7.64 -0.83
C LEU A 86 -7.55 7.72 -1.69
N TYR A 87 -7.71 7.50 -2.99
CA TYR A 87 -6.66 7.64 -3.98
C TYR A 87 -5.97 9.02 -3.87
N GLU A 88 -6.78 10.11 -3.78
CA GLU A 88 -6.24 11.47 -3.68
C GLU A 88 -5.43 11.73 -2.43
N GLU A 89 -5.79 11.08 -1.33
CA GLU A 89 -5.08 11.23 -0.06
C GLU A 89 -3.72 10.49 -0.12
N PHE A 90 -3.71 9.30 -0.73
CA PHE A 90 -2.48 8.52 -0.84
C PHE A 90 -1.53 9.19 -1.83
N LYS A 91 -2.06 9.73 -2.91
CA LYS A 91 -1.25 10.36 -3.94
C LYS A 91 -0.67 11.69 -3.51
N ASN A 92 -1.50 12.57 -2.93
CA ASN A 92 -1.07 13.93 -2.67
C ASN A 92 -0.82 14.28 -1.24
N ASN A 93 -1.19 13.43 -0.30
CA ASN A 93 -1.08 13.78 1.11
C ASN A 93 -0.36 12.74 1.92
N LEU A 94 0.63 12.07 1.32
CA LEU A 94 1.35 11.01 2.00
C LEU A 94 2.11 11.47 3.27
N THR A 95 2.60 12.73 3.31
CA THR A 95 3.28 13.28 4.49
C THR A 95 2.33 13.48 5.69
N LYS A 96 1.01 13.52 5.45
CA LYS A 96 -0.03 13.65 6.49
C LYS A 96 -0.46 12.28 7.08
N LEU A 97 0.09 11.17 6.55
CA LEU A 97 -0.15 9.79 6.98
C LEU A 97 0.06 9.57 8.49
N PRO A 98 1.10 10.14 9.14
CA PRO A 98 1.23 9.97 10.60
C PRO A 98 0.13 10.59 11.48
N GLU A 99 -0.62 11.60 10.98
CA GLU A 99 -1.69 12.27 11.71
C GLU A 99 -2.88 11.36 11.99
N TRP A 100 -3.13 10.38 11.14
CA TRP A 100 -4.26 9.47 11.31
C TRP A 100 -3.90 8.00 11.32
N ASN A 101 -2.63 7.66 11.05
CA ASN A 101 -2.18 6.27 11.09
C ASN A 101 -0.98 6.22 12.01
N PRO A 102 -1.20 5.87 13.29
CA PRO A 102 -0.12 5.89 14.28
C PRO A 102 1.08 5.03 13.97
N THR A 103 0.88 4.00 13.16
CA THR A 103 1.91 3.06 12.72
C THR A 103 2.97 3.72 11.78
N ILE A 104 2.75 4.99 11.39
CA ILE A 104 3.66 5.73 10.53
C ILE A 104 4.13 6.86 11.38
N LEU A 105 5.36 6.75 11.86
CA LEU A 105 5.94 7.75 12.71
C LEU A 105 6.42 8.94 11.89
N LYS A 106 6.98 8.68 10.71
CA LYS A 106 7.51 9.74 9.86
C LYS A 106 7.23 9.44 8.39
N CYS A 107 6.97 10.49 7.64
CA CYS A 107 6.76 10.38 6.23
C CYS A 107 7.19 11.67 5.61
N GLU A 108 8.18 11.63 4.71
CA GLU A 108 8.60 12.84 4.01
C GLU A 108 8.88 12.53 2.55
N ILE A 109 8.57 13.45 1.64
CA ILE A 109 8.86 13.21 0.23
C ILE A 109 10.31 13.59 -0.05
N ILE A 110 11.07 12.72 -0.71
CA ILE A 110 12.44 13.00 -1.07
C ILE A 110 12.46 13.75 -2.39
N LYS A 111 11.72 13.27 -3.40
CA LYS A 111 11.69 13.89 -4.72
C LYS A 111 10.51 13.39 -5.53
N GLU A 112 10.02 14.21 -6.46
CA GLU A 112 8.93 13.90 -7.39
C GLU A 112 9.56 13.99 -8.77
N ILE A 113 9.47 12.91 -9.56
CA ILE A 113 10.16 12.87 -10.83
C ILE A 113 9.30 12.64 -12.05
N GLY A 114 8.02 12.94 -11.93
CA GLY A 114 7.13 12.91 -13.09
C GLY A 114 6.35 11.65 -13.29
N ASP A 115 5.20 11.77 -13.98
CA ASP A 115 4.31 10.66 -14.31
C ASP A 115 3.88 9.91 -13.04
N GLY A 116 3.43 10.65 -12.01
CA GLY A 116 3.02 10.08 -10.73
C GLY A 116 4.09 9.30 -9.97
N VAL A 117 5.38 9.64 -10.19
CA VAL A 117 6.48 8.93 -9.56
C VAL A 117 7.18 9.82 -8.56
N ASP A 118 7.46 9.27 -7.39
CA ASP A 118 8.15 9.96 -6.31
C ASP A 118 8.99 8.99 -5.42
N LEU A 119 9.91 9.57 -4.65
CA LEU A 119 10.79 8.93 -3.69
C LEU A 119 10.33 9.48 -2.33
N SER A 120 10.20 8.60 -1.33
CA SER A 120 9.80 9.04 0.01
C SER A 120 10.52 8.24 1.09
N TYR A 121 10.64 8.84 2.28
CA TYR A 121 11.26 8.25 3.45
C TYR A 121 10.15 8.01 4.48
N GLN A 122 10.01 6.78 4.94
CA GLN A 122 8.95 6.43 5.88
C GLN A 122 9.46 5.63 7.04
N VAL A 123 9.14 6.07 8.25
CA VAL A 123 9.49 5.29 9.44
C VAL A 123 8.22 4.64 9.95
N THR A 124 8.23 3.32 10.09
CA THR A 124 7.09 2.60 10.60
C THR A 124 7.31 2.16 12.05
N ALA A 125 6.22 1.98 12.77
CA ALA A 125 6.27 1.53 14.15
C ALA A 125 6.32 -0.03 14.19
N GLY A 126 6.65 -0.58 15.35
CA GLY A 126 6.64 -2.03 15.53
C GLY A 126 5.22 -2.57 15.71
N GLY A 127 5.10 -3.89 15.76
CA GLY A 127 3.80 -4.55 15.94
C GLY A 127 3.21 -4.49 17.33
N GLY A 128 3.99 -4.04 18.30
CA GLY A 128 3.54 -3.99 19.68
C GLY A 128 3.92 -5.24 20.43
N ARG A 129 3.76 -6.40 19.77
CA ARG A 129 4.16 -7.67 20.39
C ARG A 129 5.70 -7.84 20.45
N GLY A 130 6.43 -7.02 19.67
CA GLY A 130 7.88 -7.08 19.55
C GLY A 130 8.35 -8.03 18.47
N ILE A 131 7.42 -8.49 17.60
CA ILE A 131 7.71 -9.44 16.53
C ILE A 131 8.29 -8.70 15.36
N ILE A 132 7.65 -7.62 14.96
CA ILE A 132 8.14 -6.75 13.91
C ILE A 132 8.61 -5.49 14.65
N THR A 133 9.91 -5.25 14.67
CA THR A 133 10.47 -4.07 15.33
C THR A 133 10.26 -2.84 14.42
N PRO A 134 10.35 -1.59 14.93
CA PRO A 134 10.17 -0.43 14.03
C PRO A 134 11.24 -0.42 12.94
N ARG A 135 10.87 0.00 11.73
CA ARG A 135 11.84 0.06 10.64
C ARG A 135 11.63 1.26 9.76
N ASP A 136 12.71 1.71 9.09
CA ASP A 136 12.58 2.81 8.16
C ASP A 136 12.72 2.30 6.72
N PHE A 137 12.24 3.08 5.77
CA PHE A 137 12.17 2.69 4.38
C PHE A 137 12.47 3.84 3.45
N VAL A 138 13.06 3.57 2.29
CA VAL A 138 13.25 4.56 1.24
C VAL A 138 12.48 3.95 0.10
N ILE A 139 11.36 4.55 -0.23
CA ILE A 139 10.42 3.98 -1.16
C ILE A 139 10.27 4.73 -2.52
N LEU A 140 10.37 3.98 -3.62
CA LEU A 140 10.11 4.49 -4.97
C LEU A 140 8.67 4.14 -5.25
N ARG A 141 7.89 5.10 -5.70
CA ARG A 141 6.47 4.92 -5.85
C ARG A 141 5.90 5.37 -7.18
N ARG A 142 4.91 4.67 -7.67
CA ARG A 142 4.13 5.13 -8.80
C ARG A 142 2.65 5.07 -8.45
N THR A 143 1.93 6.15 -8.70
N THR A 143 1.94 6.18 -8.66
CA THR A 143 0.50 6.24 -8.40
CA THR A 143 0.50 6.24 -8.44
C THR A 143 -0.24 6.54 -9.71
C THR A 143 -0.11 6.44 -9.81
N ALA A 144 -1.10 5.62 -10.17
CA ALA A 144 -1.74 5.73 -11.49
C ALA A 144 -3.15 5.19 -11.56
N LEU A 145 -3.90 5.58 -12.61
CA LEU A 145 -5.22 5.09 -12.95
C LEU A 145 -5.00 3.88 -13.89
N LEU A 146 -5.70 2.78 -13.62
CA LEU A 146 -5.55 1.56 -14.42
C LEU A 146 -6.87 1.07 -14.99
N SER A 147 -6.77 0.44 -16.16
CA SER A 147 -7.89 -0.25 -16.74
C SER A 147 -7.86 -1.70 -16.19
N ARG A 148 -8.88 -2.49 -16.53
CA ARG A 148 -9.04 -3.91 -16.22
C ARG A 148 -7.83 -4.75 -16.73
N GLU A 149 -7.10 -4.30 -17.79
CA GLU A 149 -5.92 -5.08 -18.26
C GLU A 149 -4.57 -4.52 -17.77
N GLY A 150 -4.60 -3.66 -16.75
CA GLY A 150 -3.40 -3.11 -16.15
C GLY A 150 -2.71 -2.01 -16.92
N ARG A 151 -3.43 -1.40 -17.88
CA ARG A 151 -2.92 -0.30 -18.70
C ARG A 151 -3.19 1.03 -18.01
N VAL A 152 -2.26 1.97 -18.12
CA VAL A 152 -2.38 3.29 -17.55
C VAL A 152 -3.38 4.08 -18.39
N VAL A 153 -4.39 4.65 -17.74
CA VAL A 153 -5.42 5.48 -18.38
C VAL A 153 -5.43 6.93 -17.82
N ASP A 154 -5.98 7.86 -18.58
CA ASP A 154 -6.08 9.25 -18.16
C ASP A 154 -7.44 9.51 -17.46
N ASP A 155 -8.47 8.68 -17.74
CA ASP A 155 -9.79 8.82 -17.13
C ASP A 155 -10.60 7.52 -17.16
N ASN A 156 -11.75 7.47 -16.44
CA ASN A 156 -12.62 6.31 -16.37
C ASN A 156 -11.87 5.04 -15.93
N PRO A 157 -11.14 5.09 -14.79
CA PRO A 157 -10.37 3.92 -14.40
C PRO A 157 -11.18 2.81 -13.76
N HIS A 158 -10.76 1.59 -14.01
CA HIS A 158 -11.29 0.39 -13.40
C HIS A 158 -10.78 0.33 -11.94
N GLY A 159 -9.52 0.72 -11.73
CA GLY A 159 -8.86 0.74 -10.43
C GLY A 159 -7.83 1.85 -10.33
N TYR A 160 -7.44 2.18 -9.11
CA TYR A 160 -6.46 3.22 -8.77
C TYR A 160 -5.34 2.52 -7.99
N ILE A 161 -4.07 2.61 -8.46
CA ILE A 161 -2.95 1.95 -7.78
C ILE A 161 -1.95 2.93 -7.24
N SER A 162 -1.32 2.58 -6.12
CA SER A 162 -0.22 3.35 -5.57
C SER A 162 0.75 2.26 -5.15
N SER A 163 1.74 1.97 -6.00
CA SER A 163 2.73 0.93 -5.76
C SER A 163 4.01 1.50 -5.12
N GLY A 164 4.76 0.62 -4.47
CA GLY A 164 6.04 0.98 -3.88
C GLY A 164 7.08 -0.13 -3.90
N VAL A 165 8.35 0.26 -3.99
CA VAL A 165 9.44 -0.70 -3.90
C VAL A 165 10.62 0.01 -3.20
N SER A 166 11.40 -0.72 -2.40
CA SER A 166 12.54 -0.13 -1.73
C SER A 166 13.67 0.08 -2.71
N VAL A 167 14.30 1.25 -2.61
CA VAL A 167 15.44 1.65 -3.42
C VAL A 167 16.49 2.35 -2.51
N GLN A 168 17.69 2.59 -3.05
CA GLN A 168 18.74 3.30 -2.34
C GLN A 168 18.80 4.70 -2.90
N VAL A 169 18.84 5.69 -2.00
CA VAL A 169 18.93 7.10 -2.37
C VAL A 169 20.14 7.66 -1.65
N PRO A 170 21.12 8.28 -2.37
CA PRO A 170 22.29 8.82 -1.68
C PRO A 170 21.87 9.98 -0.80
N GLY A 171 22.11 9.82 0.50
CA GLY A 171 21.70 10.79 1.49
C GLY A 171 20.75 10.19 2.51
N TYR A 172 20.12 9.04 2.19
CA TYR A 172 19.23 8.33 3.10
C TYR A 172 19.83 6.95 3.34
N PRO A 173 20.96 6.88 4.05
CA PRO A 173 21.57 5.58 4.30
C PRO A 173 20.91 4.87 5.48
N PRO A 174 21.18 3.57 5.69
CA PRO A 174 20.65 2.92 6.89
C PRO A 174 21.14 3.63 8.17
N LEU A 175 20.23 3.77 9.12
CA LEU A 175 20.57 4.38 10.39
C LEU A 175 21.12 3.25 11.27
N LYS A 176 22.13 3.54 12.08
CA LYS A 176 22.62 2.52 13.02
C LYS A 176 21.54 2.26 14.09
N GLU A 177 20.74 3.27 14.43
CA GLU A 177 19.69 3.15 15.43
C GLU A 177 18.40 2.49 14.94
N MET A 178 18.33 2.07 13.66
CA MET A 178 17.10 1.49 13.15
C MET A 178 17.30 0.56 11.99
N VAL A 179 16.51 -0.51 11.90
CA VAL A 179 16.61 -1.44 10.79
C VAL A 179 16.02 -0.83 9.55
N ARG A 180 16.78 -0.93 8.45
CA ARG A 180 16.30 -0.44 7.18
C ARG A 180 15.56 -1.59 6.55
N GLY A 181 14.23 -1.54 6.56
CA GLY A 181 13.39 -2.56 5.95
C GLY A 181 13.50 -2.55 4.44
N HIS A 182 13.03 -3.63 3.79
CA HIS A 182 13.09 -3.72 2.33
C HIS A 182 11.81 -4.24 1.71
N ASN A 183 11.02 -3.32 1.15
CA ASN A 183 9.81 -3.66 0.44
C ASN A 183 10.17 -4.22 -0.94
N LYS A 184 9.92 -5.51 -1.20
CA LYS A 184 10.21 -6.09 -2.54
C LYS A 184 9.11 -5.73 -3.55
N VAL A 185 7.86 -5.87 -3.15
CA VAL A 185 6.72 -5.51 -3.99
C VAL A 185 5.57 -5.12 -3.08
N GLY A 186 4.87 -4.04 -3.43
CA GLY A 186 3.78 -3.59 -2.60
C GLY A 186 2.91 -2.57 -3.30
N CYS A 187 1.64 -2.45 -2.87
CA CYS A 187 0.71 -1.48 -3.43
C CYS A 187 -0.60 -1.35 -2.66
N TRP A 188 -1.22 -0.19 -2.78
N TRP A 188 -1.27 -0.22 -2.82
CA TRP A 188 -2.58 0.05 -2.37
CA TRP A 188 -2.62 0.03 -2.34
C TRP A 188 -3.29 -0.04 -3.73
C TRP A 188 -3.41 0.12 -3.63
N TYR A 189 -4.44 -0.71 -3.79
CA TYR A 189 -5.20 -0.82 -5.02
C TYR A 189 -6.69 -0.65 -4.70
N LEU A 190 -7.32 0.36 -5.26
CA LEU A 190 -8.69 0.71 -4.96
C LEU A 190 -9.59 0.59 -6.16
N GLN A 191 -10.76 -0.06 -5.99
CA GLN A 191 -11.75 -0.19 -7.06
C GLN A 191 -13.03 0.47 -6.65
N PRO A 192 -13.58 1.37 -7.48
CA PRO A 192 -14.84 2.01 -7.12
C PRO A 192 -16.02 1.03 -7.11
N ARG A 193 -16.89 1.18 -6.15
CA ARG A 193 -18.05 0.31 -6.00
C ARG A 193 -19.25 1.11 -5.52
N THR A 194 -20.30 1.25 -6.32
CA THR A 194 -21.51 1.95 -5.88
C THR A 194 -22.52 0.97 -5.33
N VAL A 195 -22.88 1.12 -4.06
CA VAL A 195 -23.79 0.17 -3.43
C VAL A 195 -25.14 0.76 -3.07
N GLN A 196 -26.12 -0.14 -2.82
CA GLN A 196 -27.41 0.23 -2.30
C GLN A 196 -27.30 -0.09 -0.81
N THR A 197 -27.45 0.91 0.05
CA THR A 197 -27.39 0.76 1.49
C THR A 197 -28.66 0.07 2.01
N PRO A 198 -28.66 -0.43 3.26
CA PRO A 198 -29.89 -1.01 3.82
C PRO A 198 -31.08 -0.04 3.83
N GLY A 199 -30.81 1.27 3.88
CA GLY A 199 -31.88 2.27 3.83
C GLY A 199 -32.38 2.61 2.43
N GLY A 200 -31.73 2.06 1.40
CA GLY A 200 -32.11 2.26 0.00
C GLY A 200 -31.31 3.32 -0.74
N LYS A 201 -30.42 4.01 -0.03
CA LYS A 201 -29.59 5.05 -0.64
C LYS A 201 -28.50 4.44 -1.54
N ILE A 202 -28.11 5.17 -2.57
CA ILE A 202 -27.07 4.77 -3.49
C ILE A 202 -25.86 5.61 -3.08
N GLU A 203 -24.82 4.93 -2.58
CA GLU A 203 -23.59 5.59 -2.10
C GLU A 203 -22.37 4.99 -2.73
N ASP A 204 -21.28 5.77 -2.82
CA ASP A 204 -20.02 5.25 -3.36
C ASP A 204 -19.20 4.60 -2.28
N GLN A 205 -18.67 3.45 -2.61
CA GLN A 205 -17.81 2.67 -1.74
C GLN A 205 -16.54 2.25 -2.50
N ALA A 206 -15.60 1.60 -1.81
CA ALA A 206 -14.34 1.20 -2.44
C ALA A 206 -13.87 -0.14 -1.97
N LEU A 207 -13.54 -1.01 -2.92
CA LEU A 207 -12.94 -2.28 -2.55
C LEU A 207 -11.47 -1.92 -2.40
N PHE A 208 -10.90 -2.09 -1.22
CA PHE A 208 -9.53 -1.73 -0.91
C PHE A 208 -8.66 -2.95 -0.75
N GLN A 209 -7.55 -2.99 -1.48
CA GLN A 209 -6.60 -4.09 -1.41
C GLN A 209 -5.20 -3.57 -1.16
N TRP A 210 -4.47 -4.29 -0.31
CA TRP A 210 -3.14 -3.91 0.03
C TRP A 210 -2.22 -5.13 -0.10
N LEU A 211 -1.28 -5.05 -1.04
CA LEU A 211 -0.29 -6.08 -1.31
C LEU A 211 0.95 -5.68 -0.55
N MET A 212 1.54 -6.65 0.18
CA MET A 212 2.73 -6.47 0.98
C MET A 212 3.70 -7.64 0.80
N CYS A 213 4.99 -7.33 0.60
CA CYS A 213 6.06 -8.30 0.49
C CYS A 213 7.31 -7.65 1.01
N CYS A 214 7.67 -7.91 2.28
CA CYS A 214 8.84 -7.31 2.88
C CYS A 214 9.91 -8.31 3.20
N ASP A 215 11.14 -7.86 3.06
CA ASP A 215 12.36 -8.55 3.44
C ASP A 215 12.59 -7.95 4.82
N LEU A 216 12.35 -8.73 5.86
CA LEU A 216 12.49 -8.25 7.23
C LEU A 216 13.94 -7.97 7.62
N LYS A 217 14.82 -8.98 7.43
CA LYS A 217 16.26 -9.06 7.74
C LYS A 217 16.48 -10.17 8.77
N GLY A 218 15.56 -10.32 9.72
CA GLY A 218 15.61 -11.32 10.78
C GLY A 218 15.48 -12.76 10.33
N LYS A 219 15.48 -13.69 11.29
CA LYS A 219 15.37 -15.10 11.01
C LYS A 219 14.35 -15.73 11.93
N ILE A 220 13.16 -15.15 11.94
CA ILE A 220 12.02 -15.60 12.76
C ILE A 220 11.17 -16.57 11.88
N PRO A 221 10.64 -17.68 12.44
CA PRO A 221 9.85 -18.61 11.62
C PRO A 221 8.70 -18.01 10.81
N GLN A 222 8.53 -18.52 9.59
CA GLN A 222 7.50 -18.07 8.67
C GLN A 222 6.10 -18.07 9.29
N PHE A 223 5.80 -19.08 10.12
CA PHE A 223 4.50 -19.20 10.78
C PHE A 223 4.21 -18.02 11.70
N VAL A 224 5.19 -17.62 12.54
CA VAL A 224 4.97 -16.51 13.46
C VAL A 224 4.95 -15.18 12.72
N LEU A 225 5.72 -15.03 11.60
CA LEU A 225 5.67 -13.80 10.85
C LEU A 225 4.39 -13.69 10.00
N ASP A 226 3.74 -14.81 9.65
CA ASP A 226 2.45 -14.79 8.95
C ASP A 226 1.41 -14.10 9.85
N VAL A 227 1.43 -14.37 11.16
CA VAL A 227 0.47 -13.77 12.08
C VAL A 227 0.80 -12.29 12.30
N ALA A 228 2.09 -11.99 12.42
CA ALA A 228 2.58 -10.64 12.62
C ALA A 228 2.16 -9.73 11.46
N PHE A 229 2.41 -10.13 10.19
CA PHE A 229 2.05 -9.33 9.03
C PHE A 229 0.54 -9.18 8.88
N ALA A 230 -0.24 -10.24 9.13
CA ALA A 230 -1.70 -10.16 9.05
C ALA A 230 -2.23 -9.17 10.08
N THR A 231 -1.67 -9.20 11.30
CA THR A 231 -2.02 -8.29 12.38
C THR A 231 -1.80 -6.83 11.96
N VAL A 232 -0.62 -6.52 11.37
CA VAL A 232 -0.27 -5.19 10.87
C VAL A 232 -1.30 -4.70 9.88
N MET A 233 -1.71 -5.58 8.96
CA MET A 233 -2.68 -5.25 7.94
C MET A 233 -4.03 -4.95 8.55
N LEU A 234 -4.49 -5.80 9.47
CA LEU A 234 -5.77 -5.59 10.11
C LEU A 234 -5.79 -4.34 10.97
N ASP A 235 -4.68 -4.01 11.64
CA ASP A 235 -4.61 -2.79 12.45
C ASP A 235 -4.58 -1.54 11.57
N TYR A 236 -4.13 -1.65 10.32
CA TYR A 236 -4.05 -0.53 9.39
C TYR A 236 -5.44 -0.15 8.91
N ILE A 237 -6.27 -1.13 8.50
CA ILE A 237 -7.62 -0.84 8.01
C ILE A 237 -8.47 -0.12 9.05
N VAL A 238 -8.19 -0.30 10.34
CA VAL A 238 -8.93 0.37 11.39
C VAL A 238 -8.68 1.88 11.31
N HIS A 239 -7.42 2.28 11.08
CA HIS A 239 -7.05 3.69 10.97
C HIS A 239 -7.60 4.34 9.67
N VAL A 240 -7.69 3.56 8.61
CA VAL A 240 -8.26 4.01 7.35
C VAL A 240 -9.75 4.26 7.55
N ARG A 241 -10.45 3.31 8.19
CA ARG A 241 -11.89 3.48 8.42
C ARG A 241 -12.14 4.64 9.37
N LYS A 242 -11.22 4.92 10.33
CA LYS A 242 -11.44 6.04 11.25
C LYS A 242 -11.24 7.36 10.50
N PHE A 243 -10.24 7.44 9.64
CA PHE A 243 -10.01 8.60 8.78
C PHE A 243 -11.21 8.84 7.88
N VAL A 244 -11.79 7.77 7.33
CA VAL A 244 -12.97 7.82 6.48
C VAL A 244 -14.22 8.28 7.27
N ALA A 245 -14.42 7.75 8.47
CA ALA A 245 -15.56 8.10 9.31
C ALA A 245 -15.52 9.58 9.69
N GLU A 246 -14.33 10.15 9.93
CA GLU A 246 -14.17 11.57 10.23
C GLU A 246 -14.47 12.42 8.98
N ALA A 247 -13.97 12.01 7.80
CA ALA A 247 -14.25 12.73 6.57
C ALA A 247 -15.76 12.75 6.26
N LYS A 248 -16.47 11.67 6.62
CA LYS A 248 -17.91 11.56 6.48
C LYS A 248 -18.61 12.55 7.41
N ALA A 249 -18.21 12.57 8.69
CA ALA A 249 -18.84 13.43 9.68
C ALA A 249 -18.63 14.89 9.40
N ARG A 250 -17.42 15.27 8.94
CA ARG A 250 -17.14 16.67 8.64
C ARG A 250 -17.54 17.06 7.20
N ALA A 251 -18.49 16.31 6.62
CA ALA A 251 -19.12 16.47 5.30
C ALA A 251 -18.17 16.62 4.11
N GLU A 252 -16.94 16.10 4.23
CA GLU A 252 -15.98 16.08 3.11
C GLU A 252 -16.37 14.98 2.06
N ILE A 253 -17.12 13.95 2.50
CA ILE A 253 -17.66 12.87 1.68
C ILE A 253 -19.12 12.58 2.07
#